data_5UBH
#
_entry.id   5UBH
#
_cell.length_a   66.166
_cell.length_b   79.921
_cell.length_c   92.245
_cell.angle_alpha   90.00
_cell.angle_beta   90.00
_cell.angle_gamma   90.00
#
_symmetry.space_group_name_H-M   'P 21 21 21'
#
loop_
_entity.id
_entity.type
_entity.pdbx_description
1 polymer 'ATP phosphoribosyltransferase'
2 non-polymer 'ZINC ION'
3 non-polymer "ADENOSINE-5'-TRIPHOSPHATE"
4 non-polymer 'PHOSPHATE ION'
5 non-polymer 'ACETATE ION'
6 water water
#
_entity_poly.entity_id   1
_entity_poly.type   'polypeptide(L)'
_entity_poly.pdbx_seq_one_letter_code
;GMQENTRLRIAIQKSGRLSKESIELLSECGVKMHIHEQSLIAFSTNLPIDILRVRDDDIPGLIFDGVVDLGIIGENVLEE
NELERQSLGENPSYKLLKKLDFGYCRLSLALPQENKFQNLKDFEGLRIATSYPQLLKRFMKENGINYKNCTLTGSVEVAP
RANLADAICDLVSSGATLQANNLKEVKVIYESRACLIQKENALSKEKQALVDKIMLRVAGVMQARE
;
_entity_poly.pdbx_strand_id   A,B
#
loop_
_chem_comp.id
_chem_comp.type
_chem_comp.name
_chem_comp.formula
ACT non-polymer 'ACETATE ION' 'C2 H3 O2 -1'
ATP non-polymer ADENOSINE-5'-TRIPHOSPHATE 'C10 H16 N5 O13 P3'
PO4 non-polymer 'PHOSPHATE ION' 'O4 P -3'
ZN non-polymer 'ZINC ION' 'Zn 2'
#
# COMPACT_ATOMS: atom_id res chain seq x y z
N ASN A 5 20.62 15.29 -11.01
CA ASN A 5 21.18 15.53 -12.33
C ASN A 5 20.46 16.63 -13.06
N THR A 6 20.79 16.79 -14.33
CA THR A 6 20.22 17.87 -15.13
C THR A 6 18.74 17.71 -15.53
N ARG A 7 18.26 16.47 -15.59
CA ARG A 7 16.94 16.21 -16.12
C ARG A 7 15.84 16.38 -15.06
N LEU A 8 14.75 17.05 -15.45
CA LEU A 8 13.58 17.21 -14.61
C LEU A 8 12.88 15.84 -14.41
N ARG A 9 12.46 15.54 -13.17
CA ARG A 9 11.78 14.27 -12.87
C ARG A 9 10.31 14.52 -12.66
N ILE A 10 9.47 13.92 -13.50
CA ILE A 10 8.02 14.01 -13.43
C ILE A 10 7.42 12.65 -13.16
N ALA A 11 6.83 12.49 -11.99
CA ALA A 11 6.13 11.23 -11.64
C ALA A 11 4.67 11.17 -12.15
N ILE A 12 4.31 10.08 -12.82
CA ILE A 12 2.90 9.81 -13.20
C ILE A 12 2.47 8.39 -12.89
N GLN A 13 1.15 8.12 -12.95
CA GLN A 13 0.63 6.77 -12.69
C GLN A 13 1.05 5.83 -13.82
N LYS A 14 1.57 4.66 -13.46
CA LYS A 14 2.05 3.67 -14.40
C LYS A 14 0.92 3.03 -15.20
N SER A 15 -0.09 2.56 -14.50
CA SER A 15 -1.23 1.97 -15.16
C SER A 15 -2.43 2.06 -14.26
N GLY A 16 -3.36 2.88 -14.68
CA GLY A 16 -4.62 3.02 -13.98
C GLY A 16 -5.35 4.16 -14.64
N ARG A 17 -6.28 4.74 -13.89
CA ARG A 17 -7.22 5.71 -14.44
C ARG A 17 -6.61 7.04 -14.88
N LEU A 18 -5.46 7.44 -14.36
CA LEU A 18 -4.88 8.73 -14.72
C LEU A 18 -3.79 8.65 -15.81
N SER A 19 -3.32 7.43 -16.13
CA SER A 19 -2.18 7.23 -17.02
C SER A 19 -2.39 7.87 -18.40
N LYS A 20 -3.45 7.49 -19.08
CA LYS A 20 -3.70 7.93 -20.47
C LYS A 20 -3.73 9.46 -20.57
N GLU A 21 -4.43 10.11 -19.65
CA GLU A 21 -4.58 11.56 -19.68
C GLU A 21 -3.35 12.31 -19.17
N SER A 22 -2.56 11.65 -18.33
CA SER A 22 -1.30 12.26 -17.89
C SER A 22 -0.34 12.35 -19.06
N ILE A 23 -0.27 11.28 -19.85
CA ILE A 23 0.61 11.20 -21.02
C ILE A 23 0.13 12.17 -22.09
N GLU A 24 -1.16 12.15 -22.41
CA GLU A 24 -1.79 13.15 -23.31
C GLU A 24 -1.45 14.61 -22.92
N LEU A 25 -1.63 14.98 -21.64
CA LEU A 25 -1.25 16.32 -21.18
C LEU A 25 0.22 16.62 -21.41
N LEU A 26 1.09 15.66 -21.10
CA LEU A 26 2.53 15.87 -21.29
C LEU A 26 2.85 16.09 -22.79
N SER A 27 2.30 15.25 -23.67
CA SER A 27 2.42 15.42 -25.13
C SER A 27 2.01 16.81 -25.64
N GLU A 28 0.90 17.31 -25.12
CA GLU A 28 0.37 18.60 -25.53
C GLU A 28 1.23 19.75 -25.06
N CYS A 29 1.98 19.55 -23.97
CA CYS A 29 2.99 20.53 -23.55
C CYS A 29 4.38 20.38 -24.23
N GLY A 30 4.48 19.63 -25.33
CA GLY A 30 5.75 19.46 -26.07
C GLY A 30 6.76 18.48 -25.49
N VAL A 31 6.30 17.56 -24.64
CA VAL A 31 7.15 16.50 -24.15
C VAL A 31 6.88 15.26 -25.01
N LYS A 32 7.90 14.88 -25.79
CA LYS A 32 7.85 13.70 -26.64
C LYS A 32 8.60 12.59 -25.93
N MET A 33 8.04 11.39 -25.96
CA MET A 33 8.59 10.22 -25.27
C MET A 33 7.91 8.98 -25.81
N HIS A 34 8.46 7.80 -25.55
CA HIS A 34 7.76 6.56 -25.92
C HIS A 34 7.41 5.88 -24.63
N ILE A 35 6.14 5.60 -24.41
CA ILE A 35 5.71 4.74 -23.30
C ILE A 35 5.41 3.33 -23.82
N HIS A 36 6.14 2.37 -23.30
CA HIS A 36 6.01 0.97 -23.62
C HIS A 36 5.72 0.28 -22.29
N GLU A 37 6.55 -0.68 -21.90
CA GLU A 37 6.41 -1.30 -20.60
C GLU A 37 7.63 -1.02 -19.72
N GLN A 38 8.17 0.18 -19.81
CA GLN A 38 9.30 0.50 -18.97
C GLN A 38 8.78 0.31 -17.55
N SER A 39 9.54 -0.40 -16.75
CA SER A 39 9.17 -0.68 -15.38
C SER A 39 9.10 0.56 -14.51
N LEU A 40 10.03 1.48 -14.71
CA LEU A 40 10.08 2.68 -13.90
C LEU A 40 10.26 4.00 -14.63
N ILE A 41 11.26 4.08 -15.50
CA ILE A 41 11.60 5.32 -16.16
C ILE A 41 11.53 5.34 -17.70
N ALA A 42 10.96 6.42 -18.23
CA ALA A 42 10.83 6.70 -19.66
C ALA A 42 11.53 8.03 -19.90
N PHE A 43 12.31 8.11 -20.97
CA PHE A 43 13.16 9.26 -21.20
C PHE A 43 12.52 10.08 -22.31
N SER A 44 12.29 11.39 -22.08
CA SER A 44 11.87 12.27 -23.19
C SER A 44 12.96 12.34 -24.26
N THR A 45 12.56 12.20 -25.51
CA THR A 45 13.49 12.26 -26.66
C THR A 45 13.88 13.67 -27.18
N ASN A 46 13.11 14.69 -26.81
CA ASN A 46 13.32 16.09 -27.27
C ASN A 46 13.65 17.11 -26.17
N LEU A 47 13.49 16.75 -24.90
CA LEU A 47 13.71 17.68 -23.79
C LEU A 47 14.40 16.94 -22.63
N PRO A 48 15.05 17.68 -21.72
CA PRO A 48 15.75 17.03 -20.63
C PRO A 48 14.76 16.70 -19.48
N ILE A 49 13.88 15.74 -19.75
CA ILE A 49 12.80 15.34 -18.83
C ILE A 49 12.79 13.80 -18.71
N ASP A 50 12.72 13.31 -17.47
CA ASP A 50 12.51 11.89 -17.16
C ASP A 50 11.10 11.69 -16.58
N ILE A 51 10.35 10.75 -17.16
CA ILE A 51 9.02 10.40 -16.71
C ILE A 51 9.14 9.14 -15.84
N LEU A 52 8.74 9.27 -14.58
CA LEU A 52 8.74 8.14 -13.63
C LEU A 52 7.35 7.56 -13.60
N ARG A 53 7.23 6.26 -13.93
CA ARG A 53 5.94 5.58 -13.94
C ARG A 53 5.84 4.73 -12.66
N VAL A 54 4.92 5.12 -11.76
CA VAL A 54 4.85 4.58 -10.42
C VAL A 54 3.41 4.30 -10.02
N ARG A 55 3.26 3.54 -8.95
CA ARG A 55 1.95 3.35 -8.34
C ARG A 55 1.45 4.72 -7.86
N ASP A 56 0.16 5.02 -8.02
CA ASP A 56 -0.31 6.35 -7.70
C ASP A 56 -0.07 6.73 -6.22
N ASP A 57 -0.30 5.77 -5.33
CA ASP A 57 -0.09 5.96 -3.90
C ASP A 57 1.30 6.43 -3.51
N ASP A 58 2.30 6.16 -4.33
CA ASP A 58 3.67 6.63 -4.07
C ASP A 58 3.96 8.11 -4.46
N ILE A 59 3.13 8.70 -5.33
CA ILE A 59 3.44 10.00 -5.93
C ILE A 59 3.49 11.15 -4.89
N PRO A 60 2.52 11.25 -3.95
CA PRO A 60 2.62 12.30 -2.91
C PRO A 60 3.90 12.19 -2.13
N GLY A 61 4.24 10.98 -1.70
CA GLY A 61 5.47 10.76 -0.95
C GLY A 61 6.75 11.16 -1.70
N LEU A 62 6.77 10.93 -3.01
CA LEU A 62 7.95 11.25 -3.80
C LEU A 62 8.11 12.78 -3.86
N ILE A 63 6.99 13.47 -3.98
CA ILE A 63 6.96 14.93 -3.97
C ILE A 63 7.41 15.44 -2.59
N PHE A 64 6.84 14.90 -1.50
CA PHE A 64 7.13 15.36 -0.12
C PHE A 64 8.61 15.21 0.24
N ASP A 65 9.20 14.09 -0.16
CA ASP A 65 10.57 13.76 0.16
C ASP A 65 11.61 14.33 -0.80
N GLY A 66 11.15 15.07 -1.80
CA GLY A 66 12.04 15.74 -2.76
C GLY A 66 12.68 14.82 -3.80
N VAL A 67 12.11 13.64 -4.02
CA VAL A 67 12.70 12.66 -4.96
C VAL A 67 12.39 13.03 -6.42
N VAL A 68 11.22 13.57 -6.69
CA VAL A 68 10.86 14.00 -8.03
C VAL A 68 10.47 15.46 -7.95
N ASP A 69 10.50 16.13 -9.09
CA ASP A 69 10.28 17.57 -9.13
C ASP A 69 8.78 17.87 -9.30
N LEU A 70 8.12 17.11 -10.16
CA LEU A 70 6.73 17.31 -10.50
C LEU A 70 5.96 15.98 -10.39
N GLY A 71 4.64 16.09 -10.26
CA GLY A 71 3.78 14.94 -10.04
C GLY A 71 2.38 15.23 -10.48
N ILE A 72 1.77 14.27 -11.16
CA ILE A 72 0.36 14.35 -11.51
C ILE A 72 -0.40 13.27 -10.73
N ILE A 73 -1.34 13.70 -9.89
CA ILE A 73 -1.98 12.82 -8.91
C ILE A 73 -3.41 13.30 -8.58
N GLY A 74 -4.28 12.38 -8.20
CA GLY A 74 -5.63 12.69 -7.74
C GLY A 74 -5.56 13.37 -6.38
N GLU A 75 -6.46 14.31 -6.12
CA GLU A 75 -6.45 15.05 -4.86
C GLU A 75 -6.74 14.11 -3.69
N ASN A 76 -7.59 13.10 -3.92
CA ASN A 76 -7.90 12.12 -2.89
C ASN A 76 -6.63 11.40 -2.40
N VAL A 77 -5.78 10.95 -3.31
CA VAL A 77 -4.57 10.23 -2.93
C VAL A 77 -3.57 11.18 -2.25
N LEU A 78 -3.47 12.39 -2.77
CA LEU A 78 -2.57 13.39 -2.21
C LEU A 78 -2.92 13.68 -0.76
N GLU A 79 -4.19 13.95 -0.53
CA GLU A 79 -4.68 14.32 0.81
C GLU A 79 -4.65 13.15 1.79
N GLU A 80 -5.01 11.95 1.33
CA GLU A 80 -4.83 10.72 2.14
C GLU A 80 -3.42 10.62 2.68
N ASN A 81 -2.45 10.83 1.80
CA ASN A 81 -1.08 10.66 2.16
C ASN A 81 -0.53 11.84 2.98
N GLU A 82 -0.97 13.05 2.67
CA GLU A 82 -0.63 14.20 3.52
C GLU A 82 -1.08 13.94 4.99
N LEU A 83 -2.33 13.49 5.17
CA LEU A 83 -2.87 13.23 6.52
C LEU A 83 -2.10 12.16 7.26
N GLU A 84 -1.75 11.08 6.56
CA GLU A 84 -0.92 10.04 7.15
C GLU A 84 0.38 10.63 7.65
N ARG A 85 1.08 11.37 6.80
CA ARG A 85 2.35 11.99 7.14
C ARG A 85 2.20 13.00 8.30
N GLN A 86 1.13 13.78 8.31
CA GLN A 86 0.87 14.65 9.47
C GLN A 86 0.66 13.86 10.78
N SER A 87 -0.10 12.77 10.75
CA SER A 87 -0.29 11.91 11.95
C SER A 87 0.97 11.23 12.40
N LEU A 88 1.98 11.12 11.53
CA LEU A 88 3.33 10.64 11.96
C LEU A 88 4.17 11.73 12.64
N GLY A 89 3.63 12.94 12.79
CA GLY A 89 4.35 14.08 13.30
C GLY A 89 5.22 14.76 12.26
N GLU A 90 4.94 14.60 10.97
CA GLU A 90 5.78 15.19 9.94
C GLU A 90 5.12 16.42 9.36
N ASN A 91 5.86 17.14 8.53
CA ASN A 91 5.36 18.36 7.93
C ASN A 91 5.44 18.26 6.40
N PRO A 92 4.63 17.38 5.80
CA PRO A 92 4.64 17.29 4.35
C PRO A 92 4.25 18.62 3.71
N SER A 93 4.98 19.02 2.67
CA SER A 93 4.61 20.21 1.91
C SER A 93 4.84 20.01 0.43
N TYR A 94 4.06 20.74 -0.35
CA TYR A 94 4.15 20.73 -1.81
C TYR A 94 3.60 22.02 -2.37
N LYS A 95 3.98 22.33 -3.61
CA LYS A 95 3.44 23.46 -4.31
C LYS A 95 2.39 22.95 -5.27
N LEU A 96 1.16 23.42 -5.11
CA LEU A 96 0.13 23.12 -6.09
C LEU A 96 0.36 24.06 -7.30
N LEU A 97 0.35 23.50 -8.51
CA LEU A 97 0.52 24.27 -9.74
C LEU A 97 -0.78 24.43 -10.50
N LYS A 98 -1.55 23.36 -10.65
CA LYS A 98 -2.81 23.45 -11.37
C LYS A 98 -3.73 22.28 -11.06
N LYS A 99 -5.02 22.57 -10.95
CA LYS A 99 -6.05 21.57 -10.89
C LYS A 99 -6.38 21.30 -12.34
N LEU A 100 -6.59 20.04 -12.70
CA LEU A 100 -6.62 19.62 -14.11
C LEU A 100 -8.01 19.23 -14.51
N ASP A 101 -8.22 19.04 -15.80
CA ASP A 101 -9.52 18.73 -16.41
C ASP A 101 -9.85 17.22 -16.50
N PHE A 102 -9.27 16.38 -15.63
CA PHE A 102 -9.61 14.95 -15.61
C PHE A 102 -9.44 14.34 -14.21
N GLY A 103 -9.78 13.06 -14.11
CA GLY A 103 -9.73 12.36 -12.84
C GLY A 103 -10.85 12.70 -11.90
N TYR A 104 -11.99 13.10 -12.44
CA TYR A 104 -13.13 13.49 -11.63
C TYR A 104 -13.73 12.28 -10.97
N CYS A 105 -13.81 12.33 -9.65
CA CYS A 105 -14.53 11.31 -8.89
C CYS A 105 -14.85 11.81 -7.51
N ARG A 106 -15.58 10.99 -6.76
CA ARG A 106 -15.92 11.35 -5.41
C ARG A 106 -15.86 10.15 -4.49
N LEU A 107 -15.49 10.43 -3.25
CA LEU A 107 -15.39 9.44 -2.20
C LEU A 107 -16.68 9.55 -1.43
N SER A 108 -17.47 8.47 -1.45
CA SER A 108 -18.79 8.47 -0.83
C SER A 108 -19.03 7.26 0.11
N LEU A 109 -19.81 7.51 1.16
CA LEU A 109 -20.38 6.48 2.03
C LEU A 109 -21.53 5.79 1.33
N ALA A 110 -21.55 4.47 1.43
CA ALA A 110 -22.52 3.66 0.74
C ALA A 110 -22.99 2.50 1.63
N LEU A 111 -24.25 2.10 1.43
CA LEU A 111 -24.90 1.04 2.21
C LEU A 111 -25.53 0.02 1.29
N PRO A 112 -25.88 -1.15 1.84
CA PRO A 112 -26.60 -2.10 1.01
C PRO A 112 -27.91 -1.49 0.51
N GLN A 113 -28.30 -1.87 -0.71
CA GLN A 113 -29.55 -1.45 -1.34
C GLN A 113 -30.74 -1.49 -0.36
N GLU A 114 -30.92 -2.62 0.33
CA GLU A 114 -32.10 -2.82 1.20
C GLU A 114 -31.89 -2.34 2.64
N ASN A 115 -31.37 -1.12 2.80
CA ASN A 115 -31.19 -0.48 4.10
C ASN A 115 -32.03 0.79 4.14
N LYS A 116 -32.38 1.23 5.36
CA LYS A 116 -33.20 2.43 5.58
C LYS A 116 -32.32 3.61 6.01
N PHE A 117 -31.69 4.26 5.02
CA PHE A 117 -30.89 5.47 5.29
C PHE A 117 -31.79 6.66 5.56
N GLN A 118 -31.80 7.09 6.83
CA GLN A 118 -32.47 8.30 7.27
C GLN A 118 -31.48 9.47 7.43
N ASN A 119 -30.24 9.19 7.80
CA ASN A 119 -29.36 10.20 8.39
C ASN A 119 -27.90 9.68 8.55
N LEU A 120 -26.89 10.57 8.51
CA LEU A 120 -25.49 10.20 8.85
C LEU A 120 -25.33 9.46 10.18
N LYS A 121 -26.18 9.78 11.16
CA LYS A 121 -26.21 9.04 12.43
C LYS A 121 -26.50 7.54 12.25
N ASP A 122 -27.08 7.10 11.14
CA ASP A 122 -27.26 5.66 10.87
C ASP A 122 -25.93 4.88 10.75
N PHE A 123 -24.84 5.58 10.45
CA PHE A 123 -23.50 4.99 10.47
C PHE A 123 -22.91 4.81 11.86
N GLU A 124 -23.51 5.37 12.91
CA GLU A 124 -23.02 5.19 14.29
C GLU A 124 -22.68 3.73 14.66
N GLY A 125 -21.45 3.48 15.09
CA GLY A 125 -20.94 2.12 15.43
C GLY A 125 -20.86 1.07 14.32
N LEU A 126 -21.06 1.44 13.06
CA LEU A 126 -20.95 0.48 11.96
C LEU A 126 -19.48 0.23 11.68
N ARG A 127 -19.19 -0.93 11.09
CA ARG A 127 -17.88 -1.24 10.52
C ARG A 127 -17.86 -0.75 9.08
N ILE A 128 -16.89 0.08 8.72
CA ILE A 128 -16.84 0.71 7.43
C ILE A 128 -15.54 0.35 6.75
N ALA A 129 -15.65 -0.26 5.57
CA ALA A 129 -14.48 -0.71 4.81
C ALA A 129 -14.09 0.38 3.81
N THR A 130 -12.80 0.63 3.67
CA THR A 130 -12.31 1.68 2.78
C THR A 130 -10.84 1.49 2.45
N SER A 131 -10.41 2.07 1.34
CA SER A 131 -9.01 2.26 1.02
C SER A 131 -8.54 3.63 1.46
N TYR A 132 -9.41 4.46 1.98
CA TYR A 132 -9.01 5.83 2.37
C TYR A 132 -9.31 6.07 3.84
N PRO A 133 -8.64 5.30 4.74
CA PRO A 133 -8.91 5.40 6.18
C PRO A 133 -8.72 6.81 6.81
N GLN A 134 -7.71 7.57 6.36
CA GLN A 134 -7.46 8.91 6.93
C GLN A 134 -8.56 9.87 6.54
N LEU A 135 -8.96 9.85 5.27
CA LEU A 135 -10.04 10.71 4.81
C LEU A 135 -11.36 10.39 5.54
N LEU A 136 -11.71 9.10 5.62
CA LEU A 136 -12.88 8.70 6.38
C LEU A 136 -12.76 9.10 7.86
N LYS A 137 -11.61 8.87 8.50
CA LYS A 137 -11.47 9.21 9.90
C LYS A 137 -11.70 10.71 10.16
N ARG A 138 -11.09 11.57 9.35
CA ARG A 138 -11.28 13.02 9.48
C ARG A 138 -12.75 13.45 9.29
N PHE A 139 -13.43 12.88 8.29
CA PHE A 139 -14.85 13.21 8.03
C PHE A 139 -15.74 12.79 9.20
N MET A 140 -15.51 11.60 9.72
CA MET A 140 -16.32 11.10 10.83
C MET A 140 -16.10 11.90 12.13
N LYS A 141 -14.86 12.29 12.41
CA LYS A 141 -14.54 13.11 13.59
C LYS A 141 -15.26 14.44 13.49
N GLU A 142 -15.07 15.12 12.35
CA GLU A 142 -15.73 16.41 12.03
C GLU A 142 -17.25 16.39 12.20
N ASN A 143 -17.87 15.24 11.97
CA ASN A 143 -19.33 15.10 12.07
C ASN A 143 -19.79 14.32 13.31
N GLY A 144 -18.88 14.11 14.26
CA GLY A 144 -19.15 13.41 15.53
C GLY A 144 -19.74 12.01 15.45
N ILE A 145 -19.35 11.20 14.45
CA ILE A 145 -19.85 9.81 14.31
C ILE A 145 -18.77 8.79 14.65
N ASN A 146 -19.08 7.87 15.57
CA ASN A 146 -18.16 6.81 15.98
C ASN A 146 -18.40 5.62 15.10
N TYR A 147 -17.32 4.93 14.75
CA TYR A 147 -17.39 3.83 13.78
C TYR A 147 -16.21 2.91 13.99
N LYS A 148 -16.23 1.79 13.30
CA LYS A 148 -15.14 0.82 13.32
C LYS A 148 -14.51 0.76 11.92
N ASN A 149 -13.19 0.75 11.86
CA ASN A 149 -12.46 0.76 10.60
C ASN A 149 -12.23 -0.66 10.04
N CYS A 150 -12.24 -0.75 8.73
CA CYS A 150 -11.71 -1.91 8.02
C CYS A 150 -10.96 -1.36 6.80
N THR A 151 -9.62 -1.48 6.76
CA THR A 151 -8.84 -1.02 5.60
C THR A 151 -8.60 -2.16 4.60
N LEU A 152 -9.03 -1.97 3.35
CA LEU A 152 -8.82 -2.93 2.27
C LEU A 152 -8.35 -2.12 1.08
N THR A 153 -7.34 -2.62 0.38
CA THR A 153 -6.76 -1.94 -0.77
C THR A 153 -7.52 -2.28 -2.04
N GLY A 154 -8.17 -3.44 -2.06
CA GLY A 154 -8.97 -3.86 -3.22
C GLY A 154 -10.26 -4.56 -2.83
N SER A 155 -11.20 -4.65 -3.79
CA SER A 155 -12.50 -5.32 -3.58
C SER A 155 -13.27 -4.77 -2.36
N VAL A 156 -13.15 -3.46 -2.13
CA VAL A 156 -13.85 -2.82 -1.02
C VAL A 156 -15.34 -3.09 -1.08
N GLU A 157 -15.88 -3.05 -2.30
CA GLU A 157 -17.33 -3.21 -2.50
C GLU A 157 -17.83 -4.60 -2.20
N VAL A 158 -16.93 -5.57 -2.11
CA VAL A 158 -17.26 -6.95 -1.72
C VAL A 158 -17.31 -7.13 -0.20
N ALA A 159 -16.81 -6.15 0.57
CA ALA A 159 -16.73 -6.26 2.03
C ALA A 159 -18.03 -6.57 2.78
N PRO A 160 -19.14 -5.84 2.49
CA PRO A 160 -20.44 -6.18 3.12
C PRO A 160 -20.92 -7.63 2.81
N ARG A 161 -20.86 -8.03 1.54
CA ARG A 161 -21.20 -9.41 1.16
C ARG A 161 -20.31 -10.47 1.86
N ALA A 162 -19.03 -10.16 2.00
CA ALA A 162 -18.10 -11.02 2.70
C ALA A 162 -18.25 -10.99 4.22
N ASN A 163 -19.26 -10.26 4.74
CA ASN A 163 -19.45 -10.02 6.17
C ASN A 163 -18.24 -9.41 6.90
N LEU A 164 -17.41 -8.63 6.20
CA LEU A 164 -16.30 -7.92 6.84
C LEU A 164 -16.70 -6.55 7.32
N ALA A 165 -17.84 -6.03 6.82
CA ALA A 165 -18.23 -4.68 7.12
C ALA A 165 -19.71 -4.47 6.92
N ASP A 166 -20.22 -3.41 7.53
CA ASP A 166 -21.62 -3.02 7.39
C ASP A 166 -21.86 -2.02 6.24
N ALA A 167 -20.79 -1.36 5.79
CA ALA A 167 -20.89 -0.22 4.87
C ALA A 167 -19.51 0.01 4.25
N ILE A 168 -19.43 0.85 3.23
CA ILE A 168 -18.15 1.15 2.62
C ILE A 168 -18.01 2.66 2.45
N CYS A 169 -16.76 3.13 2.32
CA CYS A 169 -16.48 4.46 1.82
C CYS A 169 -15.59 4.27 0.59
N ASP A 170 -16.14 4.49 -0.60
CA ASP A 170 -15.43 4.16 -1.84
C ASP A 170 -15.49 5.27 -2.90
N LEU A 171 -14.61 5.19 -3.89
CA LEU A 171 -14.65 6.10 -5.05
C LEU A 171 -15.75 5.77 -6.03
N VAL A 172 -16.42 6.81 -6.52
CA VAL A 172 -17.56 6.68 -7.44
C VAL A 172 -17.45 7.76 -8.51
N SER A 173 -17.88 7.44 -9.74
CA SER A 173 -18.22 8.47 -10.72
C SER A 173 -19.57 8.15 -11.32
N SER A 174 -19.65 7.03 -12.05
CA SER A 174 -20.89 6.58 -12.71
C SER A 174 -21.89 5.85 -11.82
N GLY A 175 -21.42 5.23 -10.74
CA GLY A 175 -22.24 4.36 -9.89
C GLY A 175 -22.32 2.91 -10.35
N ALA A 176 -21.68 2.54 -11.45
CA ALA A 176 -21.85 1.18 -11.99
C ALA A 176 -21.32 0.07 -11.04
N THR A 177 -20.20 0.32 -10.39
CA THR A 177 -19.63 -0.67 -9.48
C THR A 177 -20.57 -0.86 -8.27
N LEU A 178 -21.03 0.23 -7.68
CA LEU A 178 -21.99 0.15 -6.58
C LEU A 178 -23.21 -0.66 -6.98
N GLN A 179 -23.69 -0.42 -8.19
CA GLN A 179 -24.89 -1.11 -8.65
C GLN A 179 -24.65 -2.62 -8.77
N ALA A 180 -23.49 -2.97 -9.32
CA ALA A 180 -23.07 -4.36 -9.48
C ALA A 180 -23.01 -5.13 -8.16
N ASN A 181 -22.70 -4.41 -7.07
CA ASN A 181 -22.57 -5.00 -5.75
C ASN A 181 -23.78 -4.74 -4.87
N ASN A 182 -24.87 -4.27 -5.46
CA ASN A 182 -26.10 -4.02 -4.73
C ASN A 182 -25.96 -3.08 -3.57
N LEU A 183 -25.28 -1.98 -3.82
CA LEU A 183 -25.06 -0.96 -2.84
C LEU A 183 -25.59 0.37 -3.34
N LYS A 184 -25.92 1.25 -2.41
CA LYS A 184 -26.40 2.56 -2.78
C LYS A 184 -25.58 3.67 -2.14
N GLU A 185 -25.21 4.64 -2.95
CA GLU A 185 -24.45 5.78 -2.45
C GLU A 185 -25.36 6.62 -1.57
N VAL A 186 -24.92 6.96 -0.36
CA VAL A 186 -25.74 7.80 0.53
C VAL A 186 -25.18 9.13 0.96
N LYS A 187 -23.86 9.35 0.92
CA LYS A 187 -23.24 10.63 1.33
C LYS A 187 -21.83 10.83 0.80
N VAL A 188 -21.66 11.89 0.02
CA VAL A 188 -20.36 12.27 -0.50
C VAL A 188 -19.54 12.91 0.60
N ILE A 189 -18.29 12.46 0.77
CA ILE A 189 -17.41 13.05 1.76
C ILE A 189 -16.24 13.81 1.19
N TYR A 190 -15.97 13.67 -0.11
CA TYR A 190 -14.80 14.31 -0.70
C TYR A 190 -14.91 14.27 -2.23
N GLU A 191 -14.66 15.39 -2.88
CA GLU A 191 -14.75 15.52 -4.34
C GLU A 191 -13.34 15.68 -4.82
N SER A 192 -12.98 14.99 -5.89
CA SER A 192 -11.56 14.95 -6.33
C SER A 192 -11.39 15.16 -7.81
N ARG A 193 -10.21 15.62 -8.18
CA ARG A 193 -9.75 15.69 -9.57
C ARG A 193 -8.23 15.53 -9.59
N ALA A 194 -7.68 15.25 -10.76
CA ALA A 194 -6.22 15.26 -10.94
C ALA A 194 -5.68 16.68 -10.80
N CYS A 195 -4.48 16.77 -10.23
CA CYS A 195 -3.76 18.03 -10.09
C CYS A 195 -2.26 17.82 -10.36
N LEU A 196 -1.61 18.89 -10.77
CA LEU A 196 -0.18 18.94 -11.01
C LEU A 196 0.44 19.64 -9.82
N ILE A 197 1.41 19.00 -9.19
CA ILE A 197 2.04 19.51 -8.01
C ILE A 197 3.53 19.44 -8.16
N GLN A 198 4.22 20.22 -7.36
CA GLN A 198 5.66 20.36 -7.43
C GLN A 198 6.17 20.30 -6.04
N LYS A 199 7.43 19.82 -5.86
CA LYS A 199 8.04 19.77 -4.56
C LYS A 199 8.28 21.17 -4.00
N GLU A 200 8.63 21.20 -2.72
CA GLU A 200 8.74 22.43 -1.93
C GLU A 200 10.03 23.17 -2.23
N ASN A 201 11.16 22.48 -2.04
CA ASN A 201 12.48 23.09 -2.10
C ASN A 201 12.80 23.55 -3.51
N ALA A 202 13.48 24.69 -3.60
CA ALA A 202 13.61 25.41 -4.87
C ALA A 202 14.35 24.58 -5.93
N LEU A 203 13.82 24.60 -7.14
CA LEU A 203 14.49 23.98 -8.28
C LEU A 203 15.59 24.89 -8.75
N SER A 204 16.58 24.29 -9.41
CA SER A 204 17.55 25.03 -10.23
C SER A 204 16.87 26.07 -11.11
N LYS A 205 17.64 27.10 -11.51
CA LYS A 205 17.19 28.05 -12.53
C LYS A 205 16.93 27.28 -13.81
N GLU A 206 17.88 26.40 -14.17
CA GLU A 206 17.72 25.52 -15.34
C GLU A 206 16.37 24.77 -15.30
N LYS A 207 16.14 24.00 -14.24
CA LYS A 207 14.90 23.23 -14.08
C LYS A 207 13.66 24.09 -13.90
N GLN A 208 13.74 25.10 -13.04
CA GLN A 208 12.60 25.99 -12.82
C GLN A 208 12.19 26.68 -14.11
N ALA A 209 13.19 27.11 -14.87
CA ALA A 209 12.93 27.68 -16.19
C ALA A 209 12.13 26.69 -17.03
N LEU A 210 12.60 25.45 -17.07
CA LEU A 210 11.88 24.41 -17.83
C LEU A 210 10.46 24.18 -17.29
N VAL A 211 10.27 24.22 -15.96
CA VAL A 211 8.91 24.12 -15.39
C VAL A 211 8.01 25.28 -15.85
N ASP A 212 8.49 26.51 -15.67
CA ASP A 212 7.75 27.71 -16.14
C ASP A 212 7.27 27.56 -17.60
N LYS A 213 8.18 27.10 -18.47
CA LYS A 213 7.83 26.83 -19.89
C LYS A 213 6.66 25.84 -20.04
N ILE A 214 6.79 24.66 -19.42
CA ILE A 214 5.72 23.64 -19.41
C ILE A 214 4.45 24.26 -18.85
N MET A 215 4.60 24.99 -17.76
CA MET A 215 3.45 25.67 -17.16
C MET A 215 2.77 26.67 -18.08
N LEU A 216 3.56 27.49 -18.78
CA LEU A 216 3.03 28.35 -19.85
C LEU A 216 2.17 27.53 -20.80
N ARG A 217 2.71 26.39 -21.23
CA ARG A 217 2.03 25.51 -22.18
C ARG A 217 0.81 24.79 -21.58
N VAL A 218 0.88 24.42 -20.30
CA VAL A 218 -0.27 23.80 -19.59
C VAL A 218 -1.48 24.71 -19.66
N ALA A 219 -1.27 25.99 -19.34
CA ALA A 219 -2.32 27.03 -19.43
C ALA A 219 -2.93 27.08 -20.84
N GLY A 220 -2.07 27.03 -21.86
CA GLY A 220 -2.50 26.98 -23.27
C GLY A 220 -3.53 25.91 -23.59
N VAL A 221 -3.26 24.66 -23.21
CA VAL A 221 -4.19 23.53 -23.40
C VAL A 221 -5.41 23.64 -22.49
N ASN B 5 -22.09 -13.53 13.69
CA ASN B 5 -20.77 -13.64 13.01
C ASN B 5 -19.96 -14.69 13.72
N THR B 6 -20.25 -15.96 13.44
CA THR B 6 -19.72 -17.08 14.22
C THR B 6 -18.82 -18.07 13.48
N ARG B 7 -18.61 -17.86 12.19
CA ARG B 7 -17.63 -18.66 11.48
C ARG B 7 -16.27 -18.01 11.76
N LEU B 8 -15.22 -18.81 11.96
CA LEU B 8 -13.89 -18.30 12.25
C LEU B 8 -13.37 -17.65 10.96
N ARG B 9 -12.85 -16.44 11.03
CA ARG B 9 -12.29 -15.78 9.82
C ARG B 9 -10.75 -15.85 9.77
N ILE B 10 -10.23 -16.32 8.64
CA ILE B 10 -8.76 -16.44 8.39
C ILE B 10 -8.41 -15.63 7.11
N ALA B 11 -7.54 -14.63 7.24
CA ALA B 11 -7.04 -13.84 6.10
C ALA B 11 -5.71 -14.42 5.60
N ILE B 12 -5.62 -14.58 4.28
CA ILE B 12 -4.42 -15.06 3.62
C ILE B 12 -4.20 -14.23 2.39
N GLN B 13 -3.00 -14.29 1.82
CA GLN B 13 -2.66 -13.55 0.62
C GLN B 13 -3.41 -14.12 -0.61
N LYS B 14 -4.08 -13.26 -1.37
CA LYS B 14 -4.82 -13.70 -2.55
C LYS B 14 -3.98 -14.26 -3.70
N SER B 15 -2.94 -13.54 -4.06
CA SER B 15 -2.03 -13.97 -5.09
C SER B 15 -0.69 -13.39 -4.74
N GLY B 16 0.33 -14.21 -4.73
CA GLY B 16 1.64 -13.74 -4.37
C GLY B 16 2.52 -14.85 -3.88
N ARG B 17 3.65 -14.47 -3.30
CA ARG B 17 4.63 -15.46 -2.84
C ARG B 17 4.20 -16.31 -1.65
N LEU B 18 3.22 -15.87 -0.87
CA LEU B 18 2.67 -16.73 0.21
C LEU B 18 1.36 -17.45 -0.14
N SER B 19 0.74 -17.14 -1.27
CA SER B 19 -0.68 -17.60 -1.48
C SER B 19 -0.79 -19.11 -1.58
N LYS B 20 0.08 -19.71 -2.40
CA LYS B 20 0.06 -21.18 -2.58
C LYS B 20 0.33 -21.95 -1.29
N GLU B 21 1.37 -21.56 -0.58
CA GLU B 21 1.77 -22.26 0.65
C GLU B 21 0.78 -22.03 1.81
N SER B 22 0.10 -20.87 1.84
CA SER B 22 -0.94 -20.64 2.83
C SER B 22 -2.11 -21.58 2.61
N ILE B 23 -2.57 -21.69 1.37
CA ILE B 23 -3.67 -22.60 1.05
C ILE B 23 -3.31 -24.04 1.37
N GLU B 24 -2.10 -24.42 0.98
CA GLU B 24 -1.61 -25.79 1.20
C GLU B 24 -1.43 -26.13 2.70
N LEU B 25 -0.98 -25.17 3.51
CA LEU B 25 -0.93 -25.40 4.96
C LEU B 25 -2.32 -25.66 5.54
N LEU B 26 -3.30 -24.86 5.11
CA LEU B 26 -4.68 -25.06 5.50
C LEU B 26 -5.15 -26.47 5.08
N SER B 27 -4.91 -26.89 3.84
CA SER B 27 -5.33 -28.25 3.40
C SER B 27 -4.64 -29.33 4.21
N GLU B 28 -3.33 -29.16 4.44
CA GLU B 28 -2.54 -30.10 5.23
C GLU B 28 -3.06 -30.25 6.65
N CYS B 29 -3.61 -29.17 7.20
CA CYS B 29 -4.30 -29.17 8.49
C CYS B 29 -5.78 -29.62 8.43
N GLY B 30 -6.22 -30.25 7.34
CA GLY B 30 -7.60 -30.77 7.25
C GLY B 30 -8.71 -29.76 6.98
N VAL B 31 -8.35 -28.57 6.52
CA VAL B 31 -9.33 -27.57 6.11
C VAL B 31 -9.56 -27.72 4.61
N LYS B 32 -10.68 -28.36 4.26
CA LYS B 32 -11.08 -28.57 2.88
C LYS B 32 -11.85 -27.34 2.45
N MET B 33 -11.62 -26.91 1.22
CA MET B 33 -12.24 -25.69 0.74
C MET B 33 -12.35 -25.70 -0.78
N HIS B 34 -13.25 -24.88 -1.29
CA HIS B 34 -13.35 -24.56 -2.72
C HIS B 34 -13.06 -23.05 -2.85
N ILE B 35 -12.25 -22.70 -3.84
CA ILE B 35 -11.82 -21.32 -4.11
C ILE B 35 -12.29 -20.97 -5.51
N HIS B 36 -12.88 -19.79 -5.67
CA HIS B 36 -13.09 -19.21 -7.00
C HIS B 36 -11.98 -18.18 -7.17
N GLU B 37 -11.13 -18.42 -8.18
CA GLU B 37 -9.77 -17.86 -8.22
C GLU B 37 -9.68 -16.33 -8.13
N GLN B 38 -10.69 -15.61 -8.62
CA GLN B 38 -10.66 -14.16 -8.54
C GLN B 38 -11.36 -13.56 -7.30
N SER B 39 -11.94 -14.38 -6.41
CA SER B 39 -12.84 -13.83 -5.38
C SER B 39 -12.20 -13.65 -3.99
N LEU B 40 -12.58 -12.56 -3.33
CA LEU B 40 -12.23 -12.23 -1.94
C LEU B 40 -12.65 -13.29 -0.94
N ILE B 41 -13.82 -13.91 -1.09
CA ILE B 41 -14.24 -14.86 -0.06
C ILE B 41 -14.26 -16.30 -0.59
N ALA B 42 -13.80 -17.21 0.26
CA ALA B 42 -13.85 -18.65 0.05
C ALA B 42 -14.30 -19.21 1.39
N PHE B 43 -14.79 -20.45 1.37
N PHE B 43 -14.84 -20.42 1.37
CA PHE B 43 -15.36 -21.06 2.56
CA PHE B 43 -15.46 -21.06 2.53
C PHE B 43 -14.87 -22.49 2.69
C PHE B 43 -14.87 -22.47 2.68
N SER B 44 -14.64 -22.92 3.93
CA SER B 44 -14.31 -24.30 4.20
C SER B 44 -15.59 -25.11 3.97
N THR B 45 -15.44 -26.27 3.33
CA THR B 45 -16.56 -27.18 3.07
C THR B 45 -16.75 -28.20 4.20
N ASN B 46 -15.80 -28.33 5.12
CA ASN B 46 -15.95 -29.27 6.23
C ASN B 46 -15.88 -28.66 7.60
N LEU B 47 -15.56 -27.37 7.71
CA LEU B 47 -15.44 -26.71 9.01
C LEU B 47 -16.03 -25.34 8.91
N PRO B 48 -16.45 -24.77 10.06
CA PRO B 48 -17.08 -23.45 10.04
C PRO B 48 -16.05 -22.30 9.97
N ILE B 49 -15.45 -22.11 8.78
CA ILE B 49 -14.34 -21.19 8.57
C ILE B 49 -14.55 -20.43 7.26
N ASP B 50 -14.44 -19.09 7.30
CA ASP B 50 -14.33 -18.24 6.09
C ASP B 50 -12.84 -17.93 5.85
N ILE B 51 -12.37 -18.10 4.62
CA ILE B 51 -11.04 -17.70 4.21
C ILE B 51 -11.19 -16.44 3.37
N LEU B 52 -10.64 -15.33 3.87
CA LEU B 52 -10.61 -14.06 3.15
C LEU B 52 -9.32 -13.92 2.42
N ARG B 53 -9.39 -13.71 1.11
CA ARG B 53 -8.23 -13.65 0.26
C ARG B 53 -7.99 -12.22 -0.14
N VAL B 54 -6.90 -11.66 0.37
CA VAL B 54 -6.61 -10.21 0.33
C VAL B 54 -5.17 -9.93 -0.05
N ARG B 55 -4.91 -8.65 -0.31
CA ARG B 55 -3.56 -8.16 -0.49
C ARG B 55 -2.84 -8.31 0.85
N ASP B 56 -1.60 -8.82 0.79
CA ASP B 56 -0.91 -9.13 1.99
C ASP B 56 -0.73 -7.91 2.89
N ASP B 57 -0.52 -6.75 2.32
CA ASP B 57 -0.33 -5.53 3.13
C ASP B 57 -1.52 -5.19 4.04
N ASP B 58 -2.72 -5.71 3.71
CA ASP B 58 -3.92 -5.45 4.48
C ASP B 58 -4.08 -6.37 5.71
N ILE B 59 -3.35 -7.49 5.74
CA ILE B 59 -3.59 -8.53 6.73
C ILE B 59 -3.31 -8.04 8.16
N PRO B 60 -2.17 -7.36 8.38
CA PRO B 60 -1.91 -6.91 9.75
C PRO B 60 -2.98 -5.95 10.30
N GLY B 61 -3.38 -4.97 9.50
CA GLY B 61 -4.52 -4.07 9.87
C GLY B 61 -5.81 -4.80 10.22
N LEU B 62 -6.14 -5.80 9.42
CA LEU B 62 -7.35 -6.60 9.63
C LEU B 62 -7.28 -7.33 10.96
N ILE B 63 -6.09 -7.77 11.35
CA ILE B 63 -5.91 -8.40 12.66
C ILE B 63 -5.95 -7.35 13.78
N PHE B 64 -5.18 -6.28 13.63
CA PHE B 64 -5.13 -5.20 14.65
C PHE B 64 -6.53 -4.63 14.91
N ASP B 65 -7.32 -4.47 13.86
CA ASP B 65 -8.67 -3.91 13.97
C ASP B 65 -9.74 -4.91 14.34
N GLY B 66 -9.34 -6.19 14.53
CA GLY B 66 -10.24 -7.26 14.90
C GLY B 66 -11.22 -7.71 13.84
N VAL B 67 -10.98 -7.37 12.57
CA VAL B 67 -11.90 -7.65 11.45
C VAL B 67 -11.85 -9.17 11.13
N VAL B 68 -10.70 -9.81 11.32
CA VAL B 68 -10.60 -11.26 11.13
C VAL B 68 -10.02 -11.83 12.40
N ASP B 69 -10.06 -13.14 12.53
CA ASP B 69 -9.57 -13.80 13.75
C ASP B 69 -8.11 -14.24 13.63
N LEU B 70 -7.76 -14.83 12.49
CA LEU B 70 -6.42 -15.31 12.23
C LEU B 70 -5.92 -14.73 10.93
N GLY B 71 -4.59 -14.70 10.80
CA GLY B 71 -3.91 -14.29 9.58
C GLY B 71 -2.57 -14.99 9.39
N ILE B 72 -2.20 -15.21 8.13
CA ILE B 72 -0.91 -15.74 7.71
C ILE B 72 -0.23 -14.65 6.92
N ILE B 73 0.92 -14.17 7.40
CA ILE B 73 1.57 -12.98 6.85
C ILE B 73 3.07 -13.09 7.09
N GLY B 74 3.85 -12.52 6.21
CA GLY B 74 5.26 -12.35 6.42
C GLY B 74 5.54 -11.45 7.62
N GLU B 75 6.55 -11.84 8.41
CA GLU B 75 6.98 -11.03 9.55
C GLU B 75 7.39 -9.61 9.17
N ASN B 76 8.02 -9.47 8.00
CA ASN B 76 8.39 -8.18 7.48
C ASN B 76 7.19 -7.24 7.30
N VAL B 77 6.10 -7.73 6.70
CA VAL B 77 4.92 -6.91 6.45
C VAL B 77 4.20 -6.61 7.78
N LEU B 78 4.15 -7.60 8.67
CA LEU B 78 3.56 -7.42 10.00
C LEU B 78 4.28 -6.31 10.78
N GLU B 79 5.60 -6.40 10.84
CA GLU B 79 6.40 -5.45 11.62
C GLU B 79 6.33 -4.02 11.05
N GLU B 80 6.42 -3.90 9.72
CA GLU B 80 6.35 -2.62 9.05
C GLU B 80 5.03 -1.90 9.38
N ASN B 81 3.93 -2.66 9.34
CA ASN B 81 2.60 -2.07 9.59
C ASN B 81 2.33 -1.81 11.07
N GLU B 82 2.93 -2.61 11.94
CA GLU B 82 2.90 -2.37 13.38
C GLU B 82 3.62 -1.07 13.75
N LEU B 83 4.82 -0.88 13.21
CA LEU B 83 5.59 0.33 13.42
C LEU B 83 4.84 1.55 12.88
N GLU B 84 4.25 1.41 11.69
CA GLU B 84 3.43 2.46 11.09
C GLU B 84 2.30 2.86 12.02
N ARG B 85 1.51 1.87 12.44
CA ARG B 85 0.43 2.08 13.38
C ARG B 85 0.91 2.73 14.70
N GLN B 86 2.05 2.29 15.25
CA GLN B 86 2.55 2.90 16.47
C GLN B 86 2.97 4.35 16.27
N SER B 87 3.60 4.65 15.12
CA SER B 87 4.03 6.00 14.81
C SER B 87 2.86 6.93 14.56
N LEU B 88 1.71 6.38 14.18
CA LEU B 88 0.47 7.14 14.11
C LEU B 88 -0.24 7.40 15.45
N GLY B 89 0.36 6.99 16.57
CA GLY B 89 -0.28 7.11 17.87
C GLY B 89 -1.35 6.08 18.17
N GLU B 90 -1.36 4.96 17.43
CA GLU B 90 -2.25 3.86 17.74
C GLU B 90 -1.52 2.79 18.57
N ASN B 91 -2.29 1.81 19.03
CA ASN B 91 -1.81 0.74 19.90
C ASN B 91 -2.15 -0.63 19.21
N PRO B 92 -1.49 -0.92 18.08
CA PRO B 92 -1.71 -2.20 17.41
C PRO B 92 -1.28 -3.38 18.28
N SER B 93 -2.13 -4.40 18.36
CA SER B 93 -1.89 -5.58 19.19
C SER B 93 -2.29 -6.90 18.46
N TYR B 94 -1.56 -7.97 18.74
CA TYR B 94 -1.84 -9.30 18.13
C TYR B 94 -1.18 -10.40 18.93
N LYS B 95 -1.64 -11.62 18.73
CA LYS B 95 -1.01 -12.81 19.30
C LYS B 95 -0.23 -13.52 18.17
N LEU B 96 1.04 -13.83 18.42
CA LEU B 96 1.82 -14.66 17.53
C LEU B 96 1.51 -16.11 17.94
N LEU B 97 0.91 -16.88 17.05
CA LEU B 97 0.63 -18.28 17.36
C LEU B 97 1.77 -19.16 16.94
N LYS B 98 2.38 -18.89 15.77
CA LYS B 98 3.40 -19.75 15.26
C LYS B 98 4.25 -19.10 14.16
N LYS B 99 5.55 -19.36 14.20
CA LYS B 99 6.42 -19.06 13.09
C LYS B 99 6.42 -20.26 12.14
N LEU B 100 6.24 -20.01 10.86
CA LEU B 100 5.95 -21.07 9.88
C LEU B 100 7.21 -21.37 9.07
N ASP B 101 7.15 -22.43 8.29
CA ASP B 101 8.31 -22.90 7.55
C ASP B 101 8.38 -22.50 6.09
N PHE B 102 7.82 -21.36 5.74
CA PHE B 102 7.91 -20.84 4.39
C PHE B 102 7.96 -19.33 4.47
N GLY B 103 8.05 -18.67 3.32
CA GLY B 103 8.09 -17.22 3.23
C GLY B 103 9.42 -16.63 3.61
N TYR B 104 10.47 -17.45 3.48
CA TYR B 104 11.81 -17.05 3.88
C TYR B 104 12.34 -15.95 2.97
N CYS B 105 12.75 -14.83 3.56
CA CYS B 105 13.35 -13.75 2.81
C CYS B 105 13.99 -12.85 3.82
N ARG B 106 14.70 -11.85 3.31
CA ARG B 106 15.43 -10.93 4.14
C ARG B 106 15.40 -9.58 3.52
N LEU B 107 15.46 -8.57 4.36
CA LEU B 107 15.42 -7.19 3.94
C LEU B 107 16.83 -6.64 4.10
N SER B 108 17.40 -6.18 3.00
CA SER B 108 18.83 -5.88 2.93
C SER B 108 19.14 -4.55 2.27
N LEU B 109 20.06 -3.81 2.88
CA LEU B 109 20.62 -2.64 2.27
C LEU B 109 21.55 -3.10 1.14
N ALA B 110 21.48 -2.40 0.02
CA ALA B 110 22.22 -2.80 -1.17
C ALA B 110 22.65 -1.60 -1.99
N LEU B 111 23.77 -1.76 -2.68
CA LEU B 111 24.44 -0.68 -3.41
C LEU B 111 24.82 -1.20 -4.80
N PRO B 112 25.11 -0.29 -5.74
CA PRO B 112 25.62 -0.73 -7.07
C PRO B 112 26.88 -1.64 -6.93
N GLN B 113 26.95 -2.74 -7.69
CA GLN B 113 28.08 -3.71 -7.61
C GLN B 113 29.40 -2.97 -7.81
N GLU B 114 29.46 -2.10 -8.81
CA GLU B 114 30.63 -1.24 -9.08
C GLU B 114 30.69 -0.07 -8.10
N ASN B 115 30.96 -0.36 -6.84
CA ASN B 115 30.85 0.64 -5.78
C ASN B 115 31.55 0.11 -4.53
N LYS B 116 32.43 0.93 -3.93
CA LYS B 116 33.28 0.48 -2.80
C LYS B 116 32.52 0.57 -1.48
N PHE B 117 32.26 -0.58 -0.85
CA PHE B 117 31.71 -0.66 0.51
C PHE B 117 32.79 -1.00 1.54
N GLN B 118 33.19 0.02 2.31
CA GLN B 118 34.08 -0.17 3.45
C GLN B 118 33.26 -0.33 4.74
N ASN B 119 32.19 0.45 4.88
CA ASN B 119 31.59 0.70 6.19
C ASN B 119 30.10 1.06 6.11
N LEU B 120 29.31 0.61 7.08
CA LEU B 120 27.89 1.00 7.18
C LEU B 120 27.64 2.52 7.21
N LYS B 121 28.62 3.31 7.66
CA LYS B 121 28.55 4.79 7.54
C LYS B 121 28.71 5.35 6.12
N ASP B 122 29.00 4.50 5.13
CA ASP B 122 28.95 4.90 3.69
C ASP B 122 27.55 5.38 3.27
N PHE B 123 26.53 4.80 3.91
CA PHE B 123 25.14 5.17 3.67
C PHE B 123 24.78 6.58 4.13
N GLU B 124 25.62 7.18 4.98
CA GLU B 124 25.42 8.55 5.45
C GLU B 124 25.12 9.46 4.29
N GLY B 125 24.01 10.20 4.39
CA GLY B 125 23.60 11.15 3.36
C GLY B 125 22.96 10.57 2.09
N LEU B 126 23.03 9.25 1.90
CA LEU B 126 22.54 8.63 0.66
C LEU B 126 21.02 8.63 0.65
N ARG B 127 20.46 8.89 -0.54
CA ARG B 127 19.03 8.69 -0.82
C ARG B 127 18.84 7.18 -0.95
N ILE B 128 17.90 6.61 -0.15
CA ILE B 128 17.65 5.16 -0.12
C ILE B 128 16.18 4.81 -0.47
N ALA B 129 15.99 4.05 -1.55
CA ALA B 129 14.68 3.60 -2.00
C ALA B 129 14.25 2.31 -1.28
N THR B 130 12.99 2.25 -0.86
CA THR B 130 12.47 1.08 -0.19
C THR B 130 10.96 1.00 -0.23
N SER B 131 10.44 -0.21 -0.09
CA SER B 131 9.02 -0.44 0.20
C SER B 131 8.75 -0.55 1.71
N TYR B 132 9.80 -0.53 2.55
CA TYR B 132 9.67 -0.74 3.99
C TYR B 132 10.29 0.44 4.76
N PRO B 133 9.69 1.63 4.63
CA PRO B 133 10.28 2.86 5.21
C PRO B 133 10.38 2.92 6.72
N GLN B 134 9.42 2.33 7.43
CA GLN B 134 9.47 2.24 8.90
C GLN B 134 10.55 1.32 9.37
N LEU B 135 10.71 0.16 8.74
CA LEU B 135 11.80 -0.76 9.09
C LEU B 135 13.18 -0.14 8.82
N LEU B 136 13.34 0.55 7.68
CA LEU B 136 14.56 1.27 7.39
C LEU B 136 14.83 2.33 8.47
N LYS B 137 13.84 3.15 8.75
CA LYS B 137 13.95 4.27 9.69
C LYS B 137 14.42 3.81 11.07
N ARG B 138 13.86 2.71 11.55
CA ARG B 138 14.24 2.15 12.86
C ARG B 138 15.69 1.67 12.88
N PHE B 139 16.07 0.90 11.86
CA PHE B 139 17.46 0.41 11.75
C PHE B 139 18.49 1.57 11.69
N MET B 140 18.21 2.59 10.90
CA MET B 140 19.13 3.73 10.73
C MET B 140 19.20 4.64 11.98
N LYS B 141 18.07 4.85 12.66
CA LYS B 141 18.09 5.58 13.93
C LYS B 141 18.89 4.79 14.98
N GLU B 142 18.69 3.48 15.04
CA GLU B 142 19.42 2.60 15.97
C GLU B 142 20.93 2.67 15.75
N ASN B 143 21.36 2.70 14.49
CA ASN B 143 22.78 2.72 14.17
C ASN B 143 23.36 4.13 14.04
N GLY B 144 22.52 5.17 14.08
CA GLY B 144 22.99 6.55 13.97
C GLY B 144 23.42 7.07 12.59
N ILE B 145 22.98 6.45 11.50
CA ILE B 145 23.27 6.95 10.15
C ILE B 145 22.08 7.75 9.66
N ASN B 146 22.32 8.98 9.23
CA ASN B 146 21.27 9.81 8.65
C ASN B 146 21.22 9.54 7.13
N TYR B 147 20.03 9.69 6.56
CA TYR B 147 19.77 9.33 5.16
C TYR B 147 18.53 10.07 4.67
N LYS B 148 18.26 9.94 3.38
CA LYS B 148 17.05 10.52 2.78
C LYS B 148 16.21 9.39 2.20
N ASN B 149 14.91 9.50 2.39
CA ASN B 149 14.02 8.37 2.13
C ASN B 149 13.39 8.47 0.75
N CYS B 150 13.17 7.32 0.11
CA CYS B 150 12.40 7.26 -1.10
C CYS B 150 11.57 5.99 -1.00
N THR B 151 10.25 6.16 -0.86
CA THR B 151 9.32 5.07 -0.74
C THR B 151 8.73 4.71 -2.11
N LEU B 152 9.00 3.48 -2.54
CA LEU B 152 8.43 2.91 -3.73
C LEU B 152 7.85 1.54 -3.36
N THR B 153 6.62 1.29 -3.83
CA THR B 153 5.87 0.10 -3.52
C THR B 153 6.32 -1.07 -4.39
N GLY B 154 6.78 -0.77 -5.61
CA GLY B 154 7.41 -1.77 -6.49
C GLY B 154 8.52 -1.18 -7.37
N SER B 155 9.24 -2.06 -8.06
CA SER B 155 10.39 -1.70 -8.91
C SER B 155 11.53 -1.03 -8.14
N VAL B 156 11.66 -1.35 -6.85
CA VAL B 156 12.65 -0.70 -5.99
C VAL B 156 14.07 -0.88 -6.54
N GLU B 157 14.39 -2.09 -7.01
CA GLU B 157 15.74 -2.41 -7.58
C GLU B 157 16.18 -1.60 -8.81
N VAL B 158 15.22 -1.01 -9.51
CA VAL B 158 15.47 -0.16 -10.68
C VAL B 158 15.73 1.32 -10.30
N ALA B 159 15.51 1.71 -9.04
CA ALA B 159 15.67 3.14 -8.64
C ALA B 159 17.08 3.74 -8.82
N PRO B 160 18.15 3.01 -8.44
CA PRO B 160 19.53 3.48 -8.72
C PRO B 160 19.82 3.70 -10.21
N ARG B 161 19.51 2.69 -11.02
CA ARG B 161 19.61 2.75 -12.48
C ARG B 161 18.79 3.90 -13.07
N ALA B 162 17.70 4.26 -12.41
CA ALA B 162 16.89 5.43 -12.81
C ALA B 162 17.29 6.76 -12.19
N ASN B 163 18.41 6.82 -11.46
CA ASN B 163 18.77 8.01 -10.67
C ASN B 163 17.63 8.66 -9.83
N LEU B 164 16.87 7.81 -9.14
CA LEU B 164 15.96 8.27 -8.08
C LEU B 164 16.58 8.13 -6.69
N ALA B 165 17.54 7.22 -6.55
CA ALA B 165 18.15 6.93 -5.26
C ALA B 165 19.57 6.42 -5.47
N ASP B 166 20.39 6.52 -4.43
CA ASP B 166 21.79 6.05 -4.45
C ASP B 166 21.95 4.60 -4.03
N ALA B 167 21.00 4.15 -3.21
CA ALA B 167 21.03 2.83 -2.61
C ALA B 167 19.57 2.35 -2.42
N ILE B 168 19.41 1.07 -2.09
CA ILE B 168 18.09 0.53 -1.83
C ILE B 168 18.07 -0.29 -0.56
N CYS B 169 16.89 -0.39 0.05
CA CYS B 169 16.64 -1.36 1.09
C CYS B 169 15.55 -2.29 0.54
N ASP B 170 15.97 -3.49 0.17
CA ASP B 170 15.25 -4.38 -0.74
C ASP B 170 14.99 -5.72 -0.11
N LEU B 171 13.82 -6.27 -0.39
CA LEU B 171 13.46 -7.59 0.07
C LEU B 171 14.01 -8.58 -0.96
N VAL B 172 14.74 -9.59 -0.51
CA VAL B 172 15.30 -10.60 -1.39
C VAL B 172 15.30 -11.97 -0.77
N SER B 173 15.25 -13.00 -1.62
CA SER B 173 15.27 -14.39 -1.15
C SER B 173 16.42 -15.12 -1.78
N SER B 174 16.24 -15.41 -3.06
CA SER B 174 17.22 -16.08 -3.89
C SER B 174 18.44 -15.21 -4.04
N GLY B 175 18.21 -13.93 -4.21
CA GLY B 175 19.28 -12.95 -4.41
C GLY B 175 19.63 -12.72 -5.86
N ALA B 176 18.93 -13.41 -6.75
CA ALA B 176 19.13 -13.30 -8.19
C ALA B 176 18.77 -11.94 -8.80
N THR B 177 17.68 -11.35 -8.34
CA THR B 177 17.22 -10.08 -8.91
C THR B 177 18.24 -8.98 -8.73
N LEU B 178 18.88 -8.95 -7.57
CA LEU B 178 19.89 -7.94 -7.31
C LEU B 178 21.04 -8.08 -8.29
N GLN B 179 21.50 -9.31 -8.54
CA GLN B 179 22.60 -9.47 -9.47
C GLN B 179 22.14 -8.99 -10.82
N ALA B 180 20.99 -9.49 -11.24
CA ALA B 180 20.35 -9.02 -12.48
C ALA B 180 20.35 -7.50 -12.66
N ASN B 181 20.12 -6.75 -11.59
CA ASN B 181 20.09 -5.28 -11.65
C ASN B 181 21.42 -4.58 -11.37
N ASN B 182 22.53 -5.34 -11.34
CA ASN B 182 23.87 -4.79 -11.08
C ASN B 182 23.96 -4.07 -9.72
N LEU B 183 23.59 -4.78 -8.66
CA LEU B 183 23.61 -4.26 -7.27
C LEU B 183 24.14 -5.30 -6.33
N LYS B 184 24.82 -4.89 -5.25
CA LYS B 184 25.38 -5.82 -4.25
C LYS B 184 24.69 -5.66 -2.90
N GLU B 185 24.39 -6.79 -2.27
CA GLU B 185 23.86 -6.84 -0.91
C GLU B 185 25.01 -6.61 0.10
N VAL B 186 24.90 -5.59 0.95
CA VAL B 186 25.97 -5.25 1.93
C VAL B 186 25.64 -5.33 3.44
N LYS B 187 24.37 -5.57 3.80
CA LYS B 187 23.95 -5.57 5.21
C LYS B 187 22.48 -5.98 5.29
N VAL B 188 22.23 -7.06 6.01
CA VAL B 188 20.90 -7.53 6.27
C VAL B 188 20.38 -6.68 7.43
N ILE B 189 19.19 -6.12 7.29
CA ILE B 189 18.59 -5.41 8.42
C ILE B 189 17.43 -6.12 9.06
N TYR B 190 16.83 -7.10 8.38
CA TYR B 190 15.70 -7.84 8.91
C TYR B 190 15.64 -9.21 8.23
N GLU B 191 15.42 -10.27 9.00
CA GLU B 191 15.16 -11.64 8.50
C GLU B 191 13.69 -12.02 8.72
N SER B 192 12.99 -12.46 7.68
CA SER B 192 11.55 -12.75 7.77
C SER B 192 11.20 -14.18 7.36
N ARG B 193 10.09 -14.66 7.92
CA ARG B 193 9.40 -15.87 7.47
C ARG B 193 7.91 -15.61 7.68
N ALA B 194 7.10 -16.49 7.10
CA ALA B 194 5.63 -16.46 7.32
C ALA B 194 5.29 -16.82 8.78
N CYS B 195 4.28 -16.15 9.34
CA CYS B 195 3.76 -16.46 10.64
C CYS B 195 2.23 -16.48 10.66
N LEU B 196 1.71 -17.20 11.65
CA LEU B 196 0.31 -17.28 11.95
C LEU B 196 0.04 -16.43 13.20
N ILE B 197 -0.86 -15.47 13.05
CA ILE B 197 -1.23 -14.51 14.11
C ILE B 197 -2.72 -14.52 14.35
N GLN B 198 -3.10 -14.01 15.53
CA GLN B 198 -4.49 -13.94 15.99
C GLN B 198 -4.73 -12.57 16.58
N LYS B 199 -5.96 -12.10 16.42
CA LYS B 199 -6.34 -10.84 17.02
C LYS B 199 -6.27 -10.88 18.53
N GLU B 200 -6.17 -9.69 19.11
CA GLU B 200 -5.98 -9.54 20.54
C GLU B 200 -7.18 -9.94 21.40
N ASN B 201 -8.38 -9.50 21.03
CA ASN B 201 -9.53 -9.75 21.90
C ASN B 201 -10.01 -11.18 21.86
N ALA B 202 -10.48 -11.65 23.02
CA ALA B 202 -10.69 -13.07 23.20
C ALA B 202 -11.79 -13.54 22.28
N LEU B 203 -11.59 -14.74 21.74
CA LEU B 203 -12.57 -15.39 20.89
C LEU B 203 -13.55 -16.09 21.80
N SER B 204 -14.75 -16.33 21.30
CA SER B 204 -15.70 -17.20 21.97
C SER B 204 -15.04 -18.55 22.24
N LYS B 205 -15.61 -19.28 23.18
CA LYS B 205 -15.06 -20.56 23.58
C LYS B 205 -14.98 -21.59 22.42
N GLU B 206 -16.03 -21.65 21.61
CA GLU B 206 -16.07 -22.55 20.44
C GLU B 206 -15.03 -22.18 19.37
N LYS B 207 -14.80 -20.89 19.15
CA LYS B 207 -13.84 -20.48 18.12
C LYS B 207 -12.42 -20.71 18.63
N GLN B 208 -12.15 -20.38 19.88
CA GLN B 208 -10.84 -20.65 20.44
C GLN B 208 -10.55 -22.16 20.43
N ALA B 209 -11.55 -22.98 20.72
CA ALA B 209 -11.39 -24.44 20.59
C ALA B 209 -11.04 -24.86 19.18
N LEU B 210 -11.64 -24.25 18.15
CA LEU B 210 -11.25 -24.53 16.74
C LEU B 210 -9.78 -24.12 16.46
N VAL B 211 -9.35 -23.00 17.02
CA VAL B 211 -7.98 -22.54 16.86
C VAL B 211 -6.97 -23.51 17.52
N ASP B 212 -7.25 -23.93 18.75
CA ASP B 212 -6.44 -24.89 19.46
C ASP B 212 -6.29 -26.19 18.64
N LYS B 213 -7.39 -26.63 18.02
CA LYS B 213 -7.38 -27.81 17.17
C LYS B 213 -6.49 -27.58 15.96
N ILE B 214 -6.66 -26.44 15.30
CA ILE B 214 -5.85 -26.10 14.14
C ILE B 214 -4.36 -26.04 14.50
N MET B 215 -4.02 -25.44 15.64
CA MET B 215 -2.63 -25.32 16.10
C MET B 215 -1.90 -26.64 16.32
N LEU B 216 -2.55 -27.59 16.97
CA LEU B 216 -2.01 -28.95 17.14
C LEU B 216 -1.70 -29.58 15.80
N ARG B 217 -2.60 -29.37 14.83
CA ARG B 217 -2.39 -29.90 13.48
C ARG B 217 -1.23 -29.26 12.76
N VAL B 218 -1.06 -27.96 12.93
CA VAL B 218 0.04 -27.21 12.29
C VAL B 218 1.39 -27.72 12.82
N ALA B 219 1.46 -27.97 14.12
CA ALA B 219 2.69 -28.49 14.74
C ALA B 219 3.01 -29.87 14.16
N GLY B 220 2.01 -30.75 14.10
CA GLY B 220 2.19 -32.08 13.49
C GLY B 220 2.61 -32.00 12.03
N VAL B 221 1.95 -31.11 11.27
CA VAL B 221 2.27 -30.97 9.85
C VAL B 221 3.72 -30.51 9.72
N MET B 222 4.11 -29.56 10.56
CA MET B 222 5.47 -29.02 10.46
C MET B 222 6.52 -30.09 10.82
N GLN B 223 6.24 -30.91 11.84
CA GLN B 223 7.12 -32.04 12.17
C GLN B 223 7.27 -32.99 10.98
N ALA B 224 6.14 -33.38 10.42
CA ALA B 224 6.11 -34.28 9.29
C ALA B 224 6.81 -33.77 8.04
N ARG B 225 6.96 -32.45 7.89
CA ARG B 225 7.57 -31.85 6.69
C ARG B 225 9.09 -31.62 6.79
N GLU B 226 9.69 -32.00 7.91
CA GLU B 226 11.13 -31.91 8.11
C GLU B 226 11.88 -33.15 7.55
ZN ZN C . 10.06 3.29 -28.54
ZN ZN D . -3.36 3.00 -5.93
PG ATP E . -2.36 1.90 -8.80
O1G ATP E . -1.43 3.00 -9.40
O2G ATP E . -2.32 1.66 -7.33
O3G ATP E . -2.26 0.58 -9.54
PB ATP E . -5.30 2.31 -8.32
O1B ATP E . -5.11 2.63 -6.86
O2B ATP E . -6.02 1.05 -8.73
O3B ATP E . -3.86 2.48 -9.12
PA ATP E . -7.11 3.63 -10.17
O1A ATP E . -6.26 3.44 -11.39
O2A ATP E . -8.38 2.82 -9.95
O3A ATP E . -6.14 3.57 -8.87
O5' ATP E . -7.48 5.20 -10.09
C5' ATP E . -6.48 6.22 -9.99
C4' ATP E . -7.12 7.55 -9.59
O4' ATP E . -8.07 7.98 -10.59
C3' ATP E . -7.88 7.53 -8.26
O3' ATP E . -7.10 7.72 -7.08
C2' ATP E . -8.81 8.72 -8.50
O2' ATP E . -8.06 9.93 -8.22
C1' ATP E . -9.19 8.60 -9.97
N9 ATP E . -10.44 7.82 -10.20
C8 ATP E . -10.93 6.78 -9.48
N7 ATP E . -12.11 6.34 -9.98
C5 ATP E . -12.38 7.10 -11.05
C6 ATP E . -13.47 7.19 -12.07
N6 ATP E . -14.51 6.33 -12.02
N1 ATP E . -13.38 8.12 -13.04
C2 ATP E . -12.34 8.99 -13.12
N3 ATP E . -11.33 8.98 -12.23
C4 ATP E . -11.29 8.07 -11.20
P PO4 F . -17.39 3.83 -11.26
O1 PO4 F . -17.37 4.55 -12.60
O2 PO4 F . -18.27 4.61 -10.31
O3 PO4 F . -15.97 3.71 -10.75
O4 PO4 F . -17.98 2.45 -11.45
C ACT G . -19.35 -6.43 10.35
O ACT G . -20.40 -6.28 9.71
OXT ACT G . -18.53 -7.30 9.98
CH3 ACT G . -19.06 -5.58 11.56
C ACT H . -12.62 18.02 4.87
O ACT H . -11.94 18.36 5.89
OXT ACT H . -13.80 17.60 4.97
CH3 ACT H . -12.02 18.12 3.47
ZN ZN I . 2.15 -6.47 -0.94
PG ATP J . 0.34 -8.31 -2.90
O1G ATP J . 0.55 -6.93 -2.32
O2G ATP J . -0.13 -8.23 -4.33
O3G ATP J . -0.45 -9.29 -1.99
PB ATP J . 3.27 -8.16 -3.03
O1B ATP J . 3.20 -6.99 -3.99
O2B ATP J . 3.79 -7.96 -1.64
O3B ATP J . 1.85 -8.95 -3.02
PA ATP J . 4.87 -10.57 -3.07
O1A ATP J . 6.18 -10.57 -3.84
O2A ATP J . 3.86 -11.67 -3.21
O3A ATP J . 4.21 -9.25 -3.71
O5' ATP J . 5.23 -10.39 -1.49
C5' ATP J . 4.56 -11.17 -0.48
C4' ATP J . 5.46 -11.56 0.70
O4' ATP J . 6.14 -12.77 0.37
C3' ATP J . 6.60 -10.64 1.11
O3' ATP J . 6.26 -9.41 1.78
C2' ATP J . 7.44 -11.59 1.95
O2' ATP J . 6.93 -11.79 3.30
C1' ATP J . 7.34 -12.88 1.12
N9 ATP J . 8.51 -13.12 0.22
C8 ATP J . 9.13 -14.33 0.13
N7 ATP J . 10.16 -14.28 -0.74
C5 ATP J . 10.22 -13.02 -1.23
C6 ATP J . 11.07 -12.28 -2.22
N6 ATP J . 12.10 -12.91 -2.85
N1 ATP J . 10.80 -10.96 -2.48
C2 ATP J . 9.78 -10.33 -1.87
N3 ATP J . 8.98 -10.95 -0.96
C4 ATP J . 9.13 -12.26 -0.60
#